data_6ZDL
#
_entry.id   6ZDL
#
_cell.length_a   127.864
_cell.length_b   127.864
_cell.length_c   48.809
_cell.angle_alpha   90.000
_cell.angle_beta   90.000
_cell.angle_gamma   120.000
#
_symmetry.space_group_name_H-M   'P 62'
#
loop_
_entity.id
_entity.type
_entity.pdbx_description
1 polymer 'Glycoprotein endo-alpha-1,2-mannosidase'
2 non-polymer '4-(2-HYDROXYETHYL)-1-PIPERAZINE ETHANESULFONIC ACID'
3 non-polymer 'MAGNESIUM ION'
4 non-polymer 6-tungstotellurate(VI)
5 non-polymer 5-HYDROXYMETHYL-3,4-DIHYDROXYPIPERIDINE
6 non-polymer alpha-D-glucopyranose
7 water water
#
_entity_poly.entity_id   1
_entity_poly.type   'polypeptide(L)'
_entity_poly.pdbx_seq_one_letter_code
;MNHKVHHHHHHIEGRHMPLNNYLHVFYYSWYGNPQFDGKYIHWNHPVLEHWDPRIAKNYPQGRHNPPDDIGSSFYPELGS
YSSRDPSVIETHMRQMRSASIGVLALSWYPPDVNDENGEPTDNLVPTILDKAHKYNLKVTFHIEPYSNRDDQNMYKNVKY
IIDKYGNHPAFYRYKTKTGNALPMFYVYDSYITKPEKWANLLTTSGSRSIRNSPYDGLFIALLVEEKHKYDILQSGFDGI
YTYFATNGFTYGSSHQNWASLKLFCDKYNLIFIPSVGPGYIDTSIRPWNTQNTRNRINGKYYEIGLSAALQTRPSLISIT
SFNEWHEGTQIEKAVPKRTSNTVYLDYRPHKPGLYLELTRKWSEKYSKERATYALDRQLPVS
;
_entity_poly.pdbx_strand_id   AAA
#
# COMPACT_ATOMS: atom_id res chain seq x y z
N LEU A 19 14.96 -13.08 2.52
CA LEU A 19 14.05 -11.90 2.45
C LEU A 19 13.96 -11.39 1.00
N ASN A 20 12.75 -11.27 0.46
CA ASN A 20 12.55 -10.83 -0.92
C ASN A 20 12.44 -9.30 -0.99
N ASN A 21 13.53 -8.64 -1.38
CA ASN A 21 13.55 -7.16 -1.49
C ASN A 21 12.84 -6.61 -2.72
N TYR A 22 12.30 -7.49 -3.55
CA TYR A 22 11.51 -7.10 -4.70
C TYR A 22 10.01 -7.25 -4.47
N LEU A 23 9.63 -7.52 -3.23
CA LEU A 23 8.24 -7.74 -2.85
C LEU A 23 7.94 -6.69 -1.78
N HIS A 24 7.04 -5.75 -2.10
CA HIS A 24 6.71 -4.59 -1.25
C HIS A 24 5.25 -4.76 -0.77
N VAL A 25 4.94 -4.29 0.44
CA VAL A 25 3.59 -4.42 1.01
C VAL A 25 3.13 -3.07 1.51
N PHE A 26 1.89 -2.68 1.20
CA PHE A 26 1.37 -1.40 1.66
C PHE A 26 0.99 -1.45 3.14
N TYR A 27 1.59 -0.56 3.92
CA TYR A 27 1.50 -0.57 5.36
C TYR A 27 0.89 0.73 5.86
N TYR A 28 0.01 0.61 6.86
CA TYR A 28 -0.73 1.72 7.41
C TYR A 28 -0.38 1.86 8.91
N SER A 29 -0.08 3.08 9.35
CA SER A 29 0.26 3.35 10.75
C SER A 29 -0.74 4.32 11.41
N TRP A 30 -1.99 4.34 10.93
CA TRP A 30 -2.99 5.30 11.39
C TRP A 30 -3.98 4.79 12.48
N TYR A 31 -3.75 3.59 13.02
CA TYR A 31 -4.65 3.01 14.03
C TYR A 31 -4.25 3.52 15.42
N GLY A 32 -5.26 3.81 16.25
CA GLY A 32 -5.06 4.25 17.62
C GLY A 32 -6.07 3.70 18.61
N ASN A 33 -5.70 3.68 19.89
CA ASN A 33 -6.64 3.29 20.95
C ASN A 33 -6.43 4.15 22.19
N PRO A 34 -7.37 4.11 23.16
CA PRO A 34 -7.25 5.00 24.31
C PRO A 34 -5.91 4.90 25.06
N GLN A 35 -5.38 3.69 25.20
CA GLN A 35 -4.22 3.46 26.07
C GLN A 35 -2.91 4.03 25.51
N PHE A 36 -2.79 4.13 24.18
CA PHE A 36 -1.61 4.73 23.55
C PHE A 36 -1.85 6.06 22.88
N ASP A 37 -3.10 6.39 22.54
CA ASP A 37 -3.37 7.60 21.77
C ASP A 37 -4.32 8.58 22.42
N GLY A 38 -4.87 8.23 23.59
CA GLY A 38 -5.90 9.04 24.25
C GLY A 38 -7.32 8.83 23.77
N LYS A 39 -7.49 8.11 22.66
CA LYS A 39 -8.80 7.85 22.06
C LYS A 39 -8.66 6.79 20.96
N TYR A 40 -9.77 6.21 20.53
CA TYR A 40 -9.71 5.34 19.35
C TYR A 40 -9.45 6.18 18.09
N ILE A 41 -8.65 5.64 17.17
CA ILE A 41 -8.43 6.26 15.87
C ILE A 41 -8.54 5.15 14.81
N HIS A 42 -9.28 5.45 13.74
CA HIS A 42 -9.56 4.53 12.63
C HIS A 42 -10.42 3.29 12.96
N TRP A 43 -10.18 2.62 14.09
CA TRP A 43 -11.08 1.52 14.48
C TRP A 43 -12.51 2.00 14.64
N ASN A 44 -12.66 3.23 15.16
CA ASN A 44 -13.94 3.93 15.25
C ASN A 44 -14.27 4.74 13.97
N HIS A 45 -13.99 4.16 12.80
CA HIS A 45 -14.22 4.82 11.51
C HIS A 45 -15.70 5.13 11.32
N PRO A 46 -16.01 6.29 10.71
CA PRO A 46 -17.42 6.55 10.41
C PRO A 46 -17.86 5.75 9.21
N VAL A 47 -19.16 5.48 9.14
CA VAL A 47 -19.73 5.00 7.90
C VAL A 47 -19.72 6.18 6.93
N LEU A 48 -19.11 5.98 5.77
CA LEU A 48 -19.00 7.01 4.76
C LEU A 48 -20.31 7.13 4.01
N GLU A 49 -20.80 8.36 3.92
CA GLU A 49 -22.09 8.66 3.33
C GLU A 49 -22.04 8.53 1.83
N HIS A 50 -22.99 7.80 1.26
CA HIS A 50 -23.22 7.79 -0.19
C HIS A 50 -23.55 9.23 -0.62
N TRP A 51 -23.06 9.64 -1.80
CA TRP A 51 -23.21 11.02 -2.32
C TRP A 51 -24.67 11.49 -2.30
N ASP A 52 -25.56 10.60 -2.74
CA ASP A 52 -26.99 10.83 -2.63
C ASP A 52 -27.52 10.49 -1.21
N PRO A 53 -27.98 11.51 -0.45
CA PRO A 53 -28.48 11.25 0.92
C PRO A 53 -29.80 10.47 0.99
N ARG A 54 -30.56 10.44 -0.11
CA ARG A 54 -31.71 9.55 -0.24
C ARG A 54 -31.26 8.09 -0.10
N ILE A 55 -30.09 7.78 -0.64
CA ILE A 55 -29.52 6.42 -0.55
C ILE A 55 -28.85 6.17 0.80
N ALA A 56 -28.04 7.12 1.26
CA ALA A 56 -27.33 6.98 2.53
C ALA A 56 -28.25 6.74 3.73
N LYS A 57 -29.44 7.34 3.72
CA LYS A 57 -30.37 7.19 4.84
C LYS A 57 -30.89 5.75 5.03
N ASN A 58 -30.78 4.88 4.01
CA ASN A 58 -31.14 3.45 4.12
C ASN A 58 -30.03 2.50 4.61
N TYR A 59 -28.85 3.03 4.93
CA TYR A 59 -27.69 2.25 5.36
C TYR A 59 -27.26 2.68 6.74
N PRO A 60 -26.40 1.91 7.42
CA PRO A 60 -25.88 2.34 8.72
C PRO A 60 -25.18 3.70 8.66
N GLN A 61 -25.09 4.39 9.79
CA GLN A 61 -24.48 5.71 9.90
C GLN A 61 -23.73 5.84 11.21
N GLY A 62 -22.81 6.79 11.31
CA GLY A 62 -22.08 7.08 12.56
C GLY A 62 -20.76 6.34 12.66
N ARG A 63 -20.04 6.57 13.76
CA ARG A 63 -18.78 5.90 14.05
C ARG A 63 -18.96 4.51 14.68
N HIS A 64 -18.11 3.57 14.25
CA HIS A 64 -18.01 2.27 14.90
C HIS A 64 -17.52 2.44 16.34
N ASN A 65 -17.91 1.52 17.22
CA ASN A 65 -17.61 1.61 18.65
CA ASN A 65 -17.63 1.61 18.66
C ASN A 65 -16.71 0.47 19.11
N PRO A 66 -15.38 0.69 19.05
CA PRO A 66 -14.47 -0.37 19.45
C PRO A 66 -14.48 -0.57 20.98
N PRO A 67 -13.98 -1.70 21.49
CA PRO A 67 -13.23 -2.69 20.72
C PRO A 67 -14.08 -3.77 20.03
N ASP A 68 -15.36 -3.91 20.35
CA ASP A 68 -16.14 -5.02 19.78
C ASP A 68 -16.70 -4.73 18.38
N ASP A 69 -16.97 -3.46 18.12
CA ASP A 69 -17.50 -3.00 16.84
C ASP A 69 -16.47 -2.08 16.22
N ILE A 70 -15.78 -2.59 15.20
CA ILE A 70 -14.74 -1.80 14.52
C ILE A 70 -15.12 -1.56 13.06
N GLY A 71 -14.47 -0.59 12.43
CA GLY A 71 -14.61 -0.36 10.99
C GLY A 71 -13.83 -1.32 10.10
N SER A 72 -14.17 -2.60 10.21
CA SER A 72 -13.59 -3.66 9.41
C SER A 72 -14.58 -4.81 9.35
N SER A 73 -14.55 -5.57 8.26
CA SER A 73 -15.31 -6.82 8.15
C SER A 73 -14.59 -8.03 8.79
N PHE A 74 -13.31 -7.85 9.13
CA PHE A 74 -12.47 -8.84 9.76
C PHE A 74 -12.07 -8.29 11.12
N TYR A 75 -11.42 -9.12 11.93
CA TYR A 75 -10.99 -8.71 13.25
C TYR A 75 -9.53 -9.11 13.45
N PRO A 76 -8.69 -8.17 13.92
CA PRO A 76 -7.28 -8.50 14.07
C PRO A 76 -6.96 -9.35 15.29
N GLU A 77 -5.96 -10.23 15.12
CA GLU A 77 -5.41 -10.94 16.27
C GLU A 77 -4.93 -9.99 17.36
N LEU A 78 -4.34 -8.86 16.97
CA LEU A 78 -3.91 -7.84 17.92
C LEU A 78 -5.05 -6.96 18.50
N GLY A 79 -6.30 -7.21 18.13
CA GLY A 79 -7.41 -6.41 18.61
C GLY A 79 -7.45 -5.03 18.00
N SER A 80 -8.12 -4.12 18.69
CA SER A 80 -8.18 -2.71 18.28
CA SER A 80 -8.18 -2.71 18.30
C SER A 80 -6.88 -2.03 18.72
N TYR A 81 -5.83 -2.32 17.97
CA TYR A 81 -4.47 -1.95 18.32
C TYR A 81 -4.06 -0.55 17.97
N SER A 82 -2.97 -0.12 18.60
CA SER A 82 -2.37 1.17 18.34
C SER A 82 -1.13 1.00 17.46
N SER A 83 -1.09 1.74 16.37
CA SER A 83 0.06 1.75 15.46
C SER A 83 1.35 2.23 16.16
N ARG A 84 1.22 3.05 17.21
CA ARG A 84 2.37 3.56 17.97
C ARG A 84 2.76 2.72 19.19
N ASP A 85 2.11 1.58 19.36
CA ASP A 85 2.49 0.59 20.36
C ASP A 85 3.71 -0.15 19.80
N PRO A 86 4.88 -0.02 20.46
CA PRO A 86 6.08 -0.65 19.91
C PRO A 86 6.00 -2.17 19.80
N SER A 87 5.19 -2.83 20.63
CA SER A 87 5.02 -4.28 20.51
C SER A 87 4.15 -4.63 19.30
N VAL A 88 3.20 -3.76 18.97
CA VAL A 88 2.41 -3.92 17.74
C VAL A 88 3.33 -3.78 16.51
N ILE A 89 4.18 -2.75 16.48
CA ILE A 89 5.12 -2.56 15.36
C ILE A 89 6.05 -3.79 15.20
N GLU A 90 6.57 -4.31 16.32
CA GLU A 90 7.40 -5.54 16.29
C GLU A 90 6.70 -6.75 15.71
N THR A 91 5.49 -7.00 16.18
CA THR A 91 4.67 -8.10 15.66
C THR A 91 4.52 -7.99 14.12
N HIS A 92 4.21 -6.80 13.66
CA HIS A 92 4.02 -6.55 12.23
C HIS A 92 5.29 -6.87 11.44
N MET A 93 6.42 -6.37 11.94
CA MET A 93 7.72 -6.61 11.30
C MET A 93 8.02 -8.10 11.28
N ARG A 94 7.74 -8.80 12.38
CA ARG A 94 7.90 -10.26 12.43
C ARG A 94 7.09 -10.91 11.34
N GLN A 95 5.81 -10.55 11.24
CA GLN A 95 4.90 -11.16 10.24
C GLN A 95 5.33 -10.93 8.80
N MET A 96 5.76 -9.71 8.50
CA MET A 96 6.25 -9.40 7.15
C MET A 96 7.51 -10.20 6.82
N ARG A 97 8.47 -10.21 7.75
CA ARG A 97 9.68 -11.03 7.64
C ARG A 97 9.38 -12.50 7.45
N SER A 98 8.43 -13.04 8.19
CA SER A 98 8.07 -14.45 8.05
C SER A 98 7.28 -14.75 6.76
N ALA A 99 6.57 -13.74 6.24
CA ALA A 99 6.04 -13.78 4.86
C ALA A 99 7.15 -13.63 3.78
N SER A 100 8.37 -13.30 4.22
CA SER A 100 9.53 -12.93 3.38
C SER A 100 9.26 -11.76 2.44
N ILE A 101 8.59 -10.76 3.00
CA ILE A 101 8.42 -9.46 2.38
C ILE A 101 9.56 -8.61 2.91
N GLY A 102 10.35 -8.03 2.00
CA GLY A 102 11.52 -7.25 2.40
C GLY A 102 11.27 -5.79 2.64
N VAL A 103 10.15 -5.29 2.17
CA VAL A 103 9.90 -3.86 2.17
C VAL A 103 8.44 -3.55 2.51
N LEU A 104 8.23 -2.57 3.37
CA LEU A 104 6.89 -2.04 3.56
C LEU A 104 6.82 -0.64 2.95
N ALA A 105 5.76 -0.37 2.20
CA ALA A 105 5.53 0.92 1.62
C ALA A 105 4.54 1.59 2.56
N LEU A 106 5.10 2.50 3.35
CA LEU A 106 4.40 3.15 4.45
C LEU A 106 3.54 4.30 3.98
N SER A 107 2.23 4.20 4.21
CA SER A 107 1.27 5.29 3.95
C SER A 107 1.73 6.53 4.71
N TRP A 108 1.87 7.66 3.99
CA TRP A 108 2.53 8.85 4.53
C TRP A 108 1.80 10.13 4.17
N TYR A 109 1.56 10.94 5.20
CA TYR A 109 1.14 12.33 5.08
C TYR A 109 2.25 13.23 5.66
N PRO A 110 2.38 14.47 5.15
CA PRO A 110 3.35 15.40 5.74
C PRO A 110 3.12 15.65 7.24
N PRO A 111 4.16 16.10 7.96
CA PRO A 111 4.00 16.45 9.39
C PRO A 111 2.84 17.41 9.65
N ASP A 112 2.09 17.14 10.73
CA ASP A 112 0.87 17.89 11.12
C ASP A 112 -0.30 17.77 10.15
N VAL A 113 -0.19 16.87 9.17
CA VAL A 113 -1.23 16.65 8.17
C VAL A 113 -1.67 15.20 8.40
N ASN A 114 -2.91 14.88 8.04
CA ASN A 114 -3.44 13.52 8.21
C ASN A 114 -4.52 13.20 7.22
N ASP A 115 -4.79 11.90 7.08
CA ASP A 115 -5.98 11.47 6.36
C ASP A 115 -7.19 12.04 7.09
N GLU A 116 -8.27 12.16 6.35
CA GLU A 116 -9.51 12.79 6.84
C GLU A 116 -10.16 12.05 8.03
N ASN A 117 -9.82 10.77 8.23
CA ASN A 117 -10.37 9.99 9.34
C ASN A 117 -9.34 9.68 10.42
N GLY A 118 -8.18 10.35 10.39
CA GLY A 118 -7.08 10.02 11.31
C GLY A 118 -6.40 11.21 11.95
N GLU A 119 -5.24 10.93 12.56
CA GLU A 119 -4.36 11.94 13.16
C GLU A 119 -3.01 11.89 12.43
N PRO A 120 -2.13 12.90 12.67
CA PRO A 120 -0.83 12.86 11.98
C PRO A 120 -0.02 11.61 12.34
N THR A 121 0.75 11.13 11.37
CA THR A 121 1.53 9.90 11.52
C THR A 121 3.03 10.03 11.23
N ASP A 122 3.48 11.15 10.64
CA ASP A 122 4.90 11.33 10.35
C ASP A 122 5.79 11.15 11.59
N ASN A 123 5.29 11.59 12.75
CA ASN A 123 5.99 11.49 14.05
C ASN A 123 6.33 10.07 14.48
N LEU A 124 5.63 9.08 13.94
CA LEU A 124 5.90 7.68 14.19
C LEU A 124 6.94 7.05 13.25
N VAL A 125 7.31 7.74 12.17
CA VAL A 125 8.24 7.16 11.16
C VAL A 125 9.59 6.68 11.75
N PRO A 126 10.24 7.51 12.59
CA PRO A 126 11.49 7.05 13.24
C PRO A 126 11.41 5.70 13.97
N THR A 127 10.31 5.48 14.69
CA THR A 127 10.10 4.22 15.40
C THR A 127 9.93 3.07 14.43
N ILE A 128 9.12 3.27 13.40
CA ILE A 128 8.88 2.21 12.40
C ILE A 128 10.21 1.79 11.73
N LEU A 129 11.02 2.78 11.37
CA LEU A 129 12.35 2.53 10.80
C LEU A 129 13.26 1.71 11.73
N ASP A 130 13.34 2.11 13.01
CA ASP A 130 14.12 1.34 14.01
C ASP A 130 13.69 -0.11 14.11
N LYS A 131 12.38 -0.34 14.21
CA LYS A 131 11.85 -1.69 14.30
C LYS A 131 12.04 -2.46 12.99
N ALA A 132 11.86 -1.79 11.86
CA ALA A 132 12.17 -2.42 10.56
C ALA A 132 13.64 -2.88 10.51
N HIS A 133 14.55 -2.03 10.96
CA HIS A 133 15.98 -2.37 11.01
C HIS A 133 16.24 -3.62 11.85
N LYS A 134 15.62 -3.64 13.04
CA LYS A 134 15.71 -4.78 13.94
C LYS A 134 15.42 -6.09 13.23
N TYR A 135 14.49 -6.10 12.27
CA TYR A 135 14.13 -7.30 11.52
C TYR A 135 14.70 -7.36 10.08
N ASN A 136 15.68 -6.51 9.79
CA ASN A 136 16.26 -6.36 8.44
C ASN A 136 15.25 -6.08 7.32
N LEU A 137 14.22 -5.29 7.64
CA LEU A 137 13.22 -4.88 6.66
C LEU A 137 13.54 -3.46 6.24
N LYS A 138 13.03 -3.08 5.07
CA LYS A 138 13.18 -1.72 4.58
C LYS A 138 11.81 -1.01 4.48
N VAL A 139 11.86 0.31 4.57
CA VAL A 139 10.69 1.15 4.59
C VAL A 139 10.80 2.09 3.41
N THR A 140 9.83 2.01 2.50
CA THR A 140 9.65 3.03 1.48
C THR A 140 8.37 3.81 1.77
N PHE A 141 8.05 4.77 0.90
CA PHE A 141 7.02 5.76 1.18
C PHE A 141 5.88 5.78 0.16
N HIS A 142 4.64 5.71 0.68
CA HIS A 142 3.42 5.70 -0.12
C HIS A 142 2.74 7.04 0.12
N ILE A 143 2.98 7.99 -0.79
CA ILE A 143 2.60 9.39 -0.57
C ILE A 143 1.11 9.59 -0.85
N GLU A 144 0.37 9.94 0.20
CA GLU A 144 -1.08 10.02 0.12
C GLU A 144 -1.48 11.36 -0.50
N PRO A 145 -2.74 11.48 -0.96
CA PRO A 145 -3.18 12.71 -1.61
C PRO A 145 -3.64 13.73 -0.58
N TYR A 146 -2.68 14.40 0.04
CA TYR A 146 -2.96 15.47 1.00
C TYR A 146 -3.49 16.68 0.25
N SER A 147 -4.24 17.54 0.95
CA SER A 147 -4.89 18.67 0.29
C SER A 147 -3.82 19.61 -0.24
N ASN A 148 -4.06 20.12 -1.44
CA ASN A 148 -3.14 21.01 -2.17
C ASN A 148 -1.83 20.39 -2.60
N ARG A 149 -1.74 19.07 -2.59
CA ARG A 149 -0.53 18.39 -3.05
C ARG A 149 -0.29 18.76 -4.50
N ASP A 150 0.94 19.20 -4.79
CA ASP A 150 1.31 19.57 -6.15
C ASP A 150 2.81 19.44 -6.28
N ASP A 151 3.34 19.82 -7.43
CA ASP A 151 4.78 19.74 -7.69
C ASP A 151 5.68 20.49 -6.69
N GLN A 152 5.23 21.64 -6.20
CA GLN A 152 6.03 22.48 -5.29
C GLN A 152 6.16 21.89 -3.89
N ASN A 153 5.03 21.58 -3.26
CA ASN A 153 5.08 20.94 -1.95
C ASN A 153 5.57 19.46 -2.04
N MET A 154 5.39 18.79 -3.18
CA MET A 154 5.99 17.43 -3.34
C MET A 154 7.51 17.53 -3.29
N TYR A 155 8.05 18.54 -3.97
CA TYR A 155 9.47 18.87 -3.87
C TYR A 155 9.92 18.95 -2.41
N LYS A 156 9.23 19.77 -1.63
CA LYS A 156 9.56 19.93 -0.20
C LYS A 156 9.45 18.62 0.59
N ASN A 157 8.42 17.81 0.29
CA ASN A 157 8.20 16.55 1.02
C ASN A 157 9.19 15.48 0.69
N VAL A 158 9.53 15.36 -0.60
CA VAL A 158 10.62 14.48 -1.05
C VAL A 158 11.94 14.86 -0.39
N LYS A 159 12.26 16.14 -0.44
CA LYS A 159 13.45 16.68 0.25
C LYS A 159 13.42 16.34 1.75
N TYR A 160 12.28 16.63 2.38
CA TYR A 160 12.06 16.32 3.81
C TYR A 160 12.28 14.84 4.09
N ILE A 161 11.62 13.97 3.32
CA ILE A 161 11.75 12.53 3.57
C ILE A 161 13.20 12.10 3.47
N ILE A 162 13.88 12.52 2.42
CA ILE A 162 15.26 12.07 2.13
C ILE A 162 16.27 12.62 3.16
N ASP A 163 16.16 13.90 3.50
CA ASP A 163 17.00 14.50 4.53
C ASP A 163 16.80 13.83 5.87
N LYS A 164 15.53 13.72 6.30
CA LYS A 164 15.21 13.18 7.62
C LYS A 164 15.45 11.68 7.78
N TYR A 165 15.03 10.88 6.79
CA TYR A 165 15.08 9.41 6.93
C TYR A 165 16.08 8.69 6.03
N GLY A 166 16.64 9.39 5.03
CA GLY A 166 17.56 8.79 4.06
C GLY A 166 18.81 8.14 4.61
N ASN A 167 19.29 8.63 5.74
CA ASN A 167 20.51 8.08 6.38
C ASN A 167 20.22 6.94 7.36
N HIS A 168 18.95 6.63 7.61
CA HIS A 168 18.61 5.48 8.46
C HIS A 168 18.89 4.21 7.68
N PRO A 169 19.50 3.20 8.32
CA PRO A 169 19.83 1.97 7.56
C PRO A 169 18.63 1.12 7.07
N ALA A 170 17.43 1.35 7.61
CA ALA A 170 16.20 0.73 7.14
C ALA A 170 15.49 1.51 6.06
N PHE A 171 15.98 2.71 5.70
CA PHE A 171 15.42 3.47 4.58
C PHE A 171 15.59 2.67 3.28
N TYR A 172 14.51 2.43 2.56
CA TYR A 172 14.56 1.65 1.33
C TYR A 172 15.23 2.41 0.17
N ARG A 173 16.18 1.75 -0.48
CA ARG A 173 16.65 2.18 -1.79
C ARG A 173 16.65 1.01 -2.77
N TYR A 174 16.13 1.25 -3.98
CA TYR A 174 16.21 0.26 -5.05
C TYR A 174 17.68 0.25 -5.45
N LYS A 175 18.37 -0.86 -5.22
CA LYS A 175 19.80 -0.97 -5.49
C LYS A 175 19.98 -1.52 -6.88
N THR A 176 20.38 -0.66 -7.81
CA THR A 176 20.73 -1.06 -9.18
CA THR A 176 20.71 -1.11 -9.16
C THR A 176 22.06 -1.82 -9.13
N LYS A 177 22.29 -2.67 -10.12
CA LYS A 177 23.53 -3.48 -10.19
C LYS A 177 24.78 -2.64 -10.46
N THR A 178 24.57 -1.48 -11.05
CA THR A 178 25.63 -0.48 -11.23
C THR A 178 26.16 0.12 -9.88
N GLY A 179 25.47 -0.15 -8.76
CA GLY A 179 25.90 0.31 -7.44
C GLY A 179 25.22 1.60 -7.00
N ASN A 180 24.36 2.19 -7.84
CA ASN A 180 23.48 3.29 -7.45
C ASN A 180 22.34 2.76 -6.56
N ALA A 181 21.76 3.65 -5.76
CA ALA A 181 20.72 3.26 -4.80
C ALA A 181 19.69 4.38 -4.69
N LEU A 182 18.50 4.12 -5.22
CA LEU A 182 17.51 5.17 -5.41
C LEU A 182 16.35 5.03 -4.43
N PRO A 183 15.99 6.12 -3.73
CA PRO A 183 14.72 6.16 -3.01
C PRO A 183 13.55 5.89 -3.94
N MET A 184 12.49 5.30 -3.38
CA MET A 184 11.24 5.12 -4.11
C MET A 184 10.10 5.88 -3.41
N PHE A 185 9.20 6.39 -4.24
CA PHE A 185 7.98 7.02 -3.79
C PHE A 185 6.82 6.52 -4.65
N TYR A 186 5.89 5.79 -4.01
CA TYR A 186 4.59 5.46 -4.63
C TYR A 186 3.70 6.66 -4.42
N VAL A 187 3.10 7.17 -5.49
CA VAL A 187 2.26 8.37 -5.38
C VAL A 187 0.81 7.99 -5.62
N TYR A 188 0.04 7.85 -4.53
CA TYR A 188 -1.38 7.49 -4.62
C TYR A 188 -2.22 8.62 -5.21
N ASP A 189 -3.09 8.26 -6.15
CA ASP A 189 -3.94 9.18 -6.90
C ASP A 189 -3.11 10.30 -7.57
N SER A 190 -1.94 9.92 -8.08
CA SER A 190 -1.04 10.83 -8.82
C SER A 190 -1.76 11.53 -9.97
N TYR A 191 -2.71 10.86 -10.58
CA TYR A 191 -3.50 11.40 -11.69
C TYR A 191 -4.34 12.68 -11.37
N ILE A 192 -4.56 12.98 -10.09
CA ILE A 192 -5.25 14.21 -9.63
C ILE A 192 -4.50 15.48 -10.00
N THR A 193 -3.17 15.41 -10.10
CA THR A 193 -2.33 16.53 -10.50
C THR A 193 -2.00 16.39 -11.99
N LYS A 194 -2.07 17.53 -12.70
CA LYS A 194 -1.85 17.56 -14.16
C LYS A 194 -0.44 17.12 -14.55
N PRO A 195 -0.29 16.39 -15.67
CA PRO A 195 1.07 15.98 -16.14
C PRO A 195 2.07 17.12 -16.32
N GLU A 196 1.59 18.29 -16.74
CA GLU A 196 2.47 19.46 -16.89
C GLU A 196 3.02 19.90 -15.54
N LYS A 197 2.24 19.76 -14.47
CA LYS A 197 2.73 20.06 -13.13
C LYS A 197 3.72 19.01 -12.64
N TRP A 198 3.41 17.73 -12.80
CA TRP A 198 4.37 16.67 -12.49
C TRP A 198 5.71 16.86 -13.25
N ALA A 199 5.62 17.21 -14.53
CA ALA A 199 6.80 17.44 -15.40
C ALA A 199 7.80 18.46 -14.85
N ASN A 200 7.31 19.45 -14.10
CA ASN A 200 8.17 20.44 -13.42
C ASN A 200 9.12 19.79 -12.47
N LEU A 201 8.64 18.73 -11.80
CA LEU A 201 9.40 18.01 -10.81
C LEU A 201 10.19 16.83 -11.38
N LEU A 202 9.62 16.11 -12.35
CA LEU A 202 10.11 14.78 -12.73
C LEU A 202 10.71 14.63 -14.14
N THR A 203 10.73 15.68 -14.96
CA THR A 203 11.52 15.69 -16.21
C THR A 203 12.86 16.42 -15.97
N THR A 204 13.87 16.09 -16.78
CA THR A 204 15.24 16.60 -16.57
C THR A 204 15.29 18.12 -16.55
N SER A 205 14.55 18.75 -17.45
CA SER A 205 14.60 20.19 -17.63
C SER A 205 13.34 20.84 -17.09
N GLY A 206 12.65 20.19 -16.14
CA GLY A 206 11.49 20.78 -15.49
C GLY A 206 11.95 21.94 -14.62
N SER A 207 11.12 22.96 -14.46
CA SER A 207 11.51 24.16 -13.71
C SER A 207 12.03 23.89 -12.29
N ARG A 208 11.54 22.83 -11.65
CA ARG A 208 11.99 22.46 -10.29
C ARG A 208 12.36 20.99 -10.20
N SER A 209 13.17 20.58 -11.16
CA SER A 209 13.50 19.18 -11.35
C SER A 209 14.34 18.66 -10.19
N ILE A 210 13.98 17.47 -9.69
CA ILE A 210 14.84 16.72 -8.77
C ILE A 210 15.74 15.76 -9.53
N ARG A 211 15.54 15.64 -10.84
CA ARG A 211 16.34 14.71 -11.61
C ARG A 211 17.80 15.12 -11.58
N ASN A 212 18.67 14.11 -11.44
CA ASN A 212 20.11 14.28 -11.32
C ASN A 212 20.54 15.13 -10.12
N SER A 213 19.66 15.26 -9.10
CA SER A 213 19.99 16.00 -7.89
C SER A 213 20.26 14.96 -6.80
N PRO A 214 20.72 15.41 -5.61
CA PRO A 214 20.82 14.41 -4.53
C PRO A 214 19.46 13.90 -4.03
N TYR A 215 18.37 14.56 -4.42
CA TYR A 215 16.99 14.18 -4.08
C TYR A 215 16.25 13.40 -5.17
N ASP A 216 17.00 12.77 -6.07
CA ASP A 216 16.42 12.00 -7.16
C ASP A 216 15.95 10.67 -6.59
N GLY A 217 15.06 10.04 -7.33
CA GLY A 217 14.50 8.75 -6.93
C GLY A 217 13.59 8.21 -8.00
N LEU A 218 12.91 7.14 -7.66
CA LEU A 218 12.00 6.41 -8.52
C LEU A 218 10.59 6.71 -8.02
N PHE A 219 9.84 7.47 -8.84
CA PHE A 219 8.49 7.89 -8.53
C PHE A 219 7.52 6.98 -9.31
N ILE A 220 6.68 6.24 -8.56
CA ILE A 220 5.72 5.28 -9.14
C ILE A 220 4.34 5.91 -9.13
N ALA A 221 3.72 6.04 -10.31
CA ALA A 221 2.39 6.63 -10.45
C ALA A 221 1.31 5.58 -10.37
N LEU A 222 0.15 5.98 -9.85
CA LEU A 222 -1.03 5.12 -9.84
C LEU A 222 -1.73 5.19 -11.18
N LEU A 223 -1.88 4.04 -11.82
CA LEU A 223 -2.68 3.94 -13.04
C LEU A 223 -4.04 3.34 -12.71
N VAL A 224 -5.10 4.06 -13.07
CA VAL A 224 -6.49 3.64 -12.88
C VAL A 224 -7.06 3.22 -14.22
N GLU A 225 -7.17 4.19 -15.12
CA GLU A 225 -7.66 3.99 -16.47
C GLU A 225 -6.51 3.78 -17.46
N GLU A 226 -6.78 3.03 -18.52
CA GLU A 226 -5.76 2.77 -19.54
C GLU A 226 -5.13 4.08 -20.02
N LYS A 227 -5.94 5.10 -20.26
CA LYS A 227 -5.46 6.38 -20.78
C LYS A 227 -4.41 7.08 -19.91
N HIS A 228 -4.41 6.78 -18.59
CA HIS A 228 -3.39 7.31 -17.70
C HIS A 228 -1.93 6.92 -18.07
N LYS A 229 -1.77 5.81 -18.80
CA LYS A 229 -0.49 5.41 -19.40
C LYS A 229 0.23 6.60 -20.01
N TYR A 230 -0.51 7.30 -20.86
CA TYR A 230 0.02 8.41 -21.66
C TYR A 230 0.30 9.61 -20.80
N ASP A 231 -0.57 9.90 -19.82
CA ASP A 231 -0.34 11.01 -18.87
C ASP A 231 0.91 10.78 -18.05
N ILE A 232 1.09 9.53 -17.66
CA ILE A 232 2.22 9.10 -16.86
C ILE A 232 3.57 9.31 -17.59
N LEU A 233 3.60 8.98 -18.89
CA LEU A 233 4.77 9.27 -19.74
C LEU A 233 5.09 10.76 -19.77
N GLN A 234 4.06 11.57 -20.02
CA GLN A 234 4.21 13.02 -20.09
CA GLN A 234 4.17 13.03 -20.07
C GLN A 234 4.66 13.62 -18.75
N SER A 235 4.27 12.98 -17.64
CA SER A 235 4.60 13.48 -16.29
C SER A 235 6.05 13.24 -15.89
N GLY A 236 6.68 12.23 -16.50
CA GLY A 236 8.06 11.88 -16.17
C GLY A 236 8.21 10.91 -15.00
N PHE A 237 7.14 10.22 -14.61
CA PHE A 237 7.25 9.11 -13.65
C PHE A 237 8.14 7.95 -14.15
N ASP A 238 8.75 7.25 -13.19
CA ASP A 238 9.63 6.11 -13.46
C ASP A 238 8.90 4.77 -13.52
N GLY A 239 7.66 4.72 -13.06
CA GLY A 239 6.97 3.45 -13.02
C GLY A 239 5.49 3.60 -12.77
N ILE A 240 4.81 2.45 -12.81
CA ILE A 240 3.39 2.42 -12.53
CA ILE A 240 3.37 2.35 -12.65
C ILE A 240 3.02 1.27 -11.61
N TYR A 241 2.07 1.56 -10.74
CA TYR A 241 1.45 0.56 -9.88
C TYR A 241 -0.06 0.72 -9.96
N THR A 242 -0.77 -0.34 -9.57
CA THR A 242 -2.21 -0.45 -9.80
C THR A 242 -3.09 -0.40 -8.55
N TYR A 243 -2.46 -0.65 -7.39
CA TYR A 243 -3.04 -0.66 -6.05
C TYR A 243 -4.25 -1.56 -5.75
N PHE A 244 -5.38 -1.36 -6.42
CA PHE A 244 -6.65 -1.89 -5.94
C PHE A 244 -6.69 -3.41 -5.98
N ALA A 245 -7.20 -3.99 -4.91
CA ALA A 245 -7.27 -5.43 -4.77
C ALA A 245 -8.40 -6.06 -5.55
N THR A 246 -9.41 -5.28 -5.94
CA THR A 246 -10.55 -5.82 -6.64
C THR A 246 -10.29 -6.00 -8.15
N ASN A 247 -10.23 -7.25 -8.60
CA ASN A 247 -10.21 -7.60 -10.01
C ASN A 247 -11.50 -7.12 -10.69
N GLY A 248 -11.34 -6.28 -11.71
CA GLY A 248 -12.47 -5.72 -12.45
C GLY A 248 -12.87 -4.32 -12.05
N PHE A 249 -12.29 -3.77 -10.97
CA PHE A 249 -12.69 -2.45 -10.49
C PHE A 249 -12.14 -1.37 -11.42
N THR A 250 -10.87 -1.46 -11.79
CA THR A 250 -10.28 -0.55 -12.77
C THR A 250 -9.52 -1.35 -13.82
N TYR A 251 -9.16 -0.68 -14.91
CA TYR A 251 -8.31 -1.26 -15.95
C TYR A 251 -7.03 -1.79 -15.32
N GLY A 252 -6.40 -0.96 -14.48
CA GLY A 252 -5.17 -1.35 -13.82
C GLY A 252 -5.27 -2.53 -12.88
N SER A 253 -6.37 -2.63 -12.15
CA SER A 253 -6.54 -3.67 -11.12
C SER A 253 -7.06 -5.00 -11.69
N SER A 254 -7.31 -5.04 -12.99
CA SER A 254 -7.76 -6.24 -13.66
C SER A 254 -6.56 -6.98 -14.21
N HIS A 255 -6.29 -8.16 -13.67
CA HIS A 255 -5.06 -8.86 -13.97
C HIS A 255 -4.96 -9.32 -15.44
N GLN A 256 -6.09 -9.39 -16.14
CA GLN A 256 -6.10 -9.64 -17.59
C GLN A 256 -5.38 -8.55 -18.40
N ASN A 257 -5.32 -7.34 -17.86
CA ASN A 257 -4.59 -6.23 -18.48
C ASN A 257 -3.13 -6.14 -18.07
N TRP A 258 -2.63 -7.03 -17.20
CA TRP A 258 -1.26 -6.86 -16.69
C TRP A 258 -0.15 -7.17 -17.71
N ALA A 259 -0.42 -8.10 -18.62
CA ALA A 259 0.46 -8.39 -19.76
C ALA A 259 0.72 -7.17 -20.59
N SER A 260 -0.35 -6.45 -20.89
CA SER A 260 -0.28 -5.25 -21.72
C SER A 260 0.48 -4.12 -21.03
N LEU A 261 0.10 -3.85 -19.76
CA LEU A 261 0.81 -2.86 -18.99
C LEU A 261 2.30 -3.17 -18.90
N LYS A 262 2.63 -4.45 -18.72
CA LYS A 262 4.01 -4.92 -18.68
C LYS A 262 4.73 -4.61 -20.00
N LEU A 263 4.15 -5.02 -21.14
CA LEU A 263 4.64 -4.65 -22.47
C LEU A 263 4.88 -3.14 -22.66
N PHE A 264 3.87 -2.37 -22.26
CA PHE A 264 3.95 -0.91 -22.34
C PHE A 264 5.11 -0.38 -21.55
N CYS A 265 5.23 -0.86 -20.32
CA CYS A 265 6.27 -0.41 -19.42
C CYS A 265 7.62 -0.78 -19.96
N ASP A 266 7.77 -2.00 -20.49
CA ASP A 266 9.01 -2.43 -21.15
C ASP A 266 9.44 -1.46 -22.29
N LYS A 267 8.53 -1.19 -23.21
CA LYS A 267 8.74 -0.27 -24.35
C LYS A 267 9.26 1.09 -23.91
N TYR A 268 8.69 1.59 -22.80
CA TYR A 268 8.96 2.94 -22.35
C TYR A 268 9.89 3.01 -21.15
N ASN A 269 10.54 1.89 -20.83
CA ASN A 269 11.50 1.82 -19.73
C ASN A 269 10.95 2.26 -18.35
N LEU A 270 9.70 1.89 -18.11
CA LEU A 270 9.05 2.12 -16.82
C LEU A 270 9.08 0.86 -15.99
N ILE A 271 9.14 1.03 -14.68
CA ILE A 271 9.06 -0.08 -13.75
C ILE A 271 7.58 -0.43 -13.58
N PHE A 272 7.16 -1.62 -14.04
CA PHE A 272 5.80 -2.11 -13.81
C PHE A 272 5.70 -2.83 -12.46
N ILE A 273 4.85 -2.32 -11.58
CA ILE A 273 4.64 -2.92 -10.25
C ILE A 273 3.17 -3.27 -10.05
N PRO A 274 2.75 -4.47 -10.49
CA PRO A 274 1.37 -4.87 -10.24
C PRO A 274 1.07 -4.98 -8.72
N SER A 275 -0.15 -4.62 -8.33
CA SER A 275 -0.59 -4.78 -6.93
C SER A 275 -1.58 -5.93 -6.81
N VAL A 276 -1.26 -6.84 -5.91
CA VAL A 276 -2.02 -8.08 -5.74
C VAL A 276 -2.64 -8.03 -4.35
N GLY A 277 -3.93 -8.36 -4.27
CA GLY A 277 -4.60 -8.48 -2.95
C GLY A 277 -5.25 -9.83 -2.68
N PRO A 278 -5.52 -10.14 -1.40
CA PRO A 278 -6.12 -11.44 -1.04
C PRO A 278 -7.64 -11.50 -1.19
N GLY A 279 -8.25 -10.33 -1.36
CA GLY A 279 -9.69 -10.17 -1.50
C GLY A 279 -10.01 -8.69 -1.31
N TYR A 280 -11.29 -8.36 -1.16
CA TYR A 280 -11.70 -6.99 -0.86
C TYR A 280 -13.07 -6.99 -0.24
N ILE A 281 -13.22 -6.25 0.86
CA ILE A 281 -14.55 -5.93 1.39
C ILE A 281 -14.47 -4.69 2.28
N ASP A 282 -15.19 -3.65 1.90
CA ASP A 282 -15.15 -2.38 2.65
C ASP A 282 -16.52 -1.95 3.15
N THR A 283 -17.48 -2.86 3.14
CA THR A 283 -18.86 -2.50 3.41
C THR A 283 -19.18 -2.14 4.89
N SER A 284 -18.25 -2.36 5.82
CA SER A 284 -18.39 -1.77 7.18
C SER A 284 -18.32 -0.24 7.17
N ILE A 285 -17.62 0.33 6.19
CA ILE A 285 -17.49 1.79 6.03
C ILE A 285 -18.02 2.33 4.72
N ARG A 286 -18.16 1.50 3.68
CA ARG A 286 -18.79 1.89 2.42
C ARG A 286 -19.87 0.85 2.09
N PRO A 287 -21.00 0.88 2.82
CA PRO A 287 -22.00 -0.21 2.71
C PRO A 287 -22.71 -0.28 1.36
N TRP A 288 -22.57 0.77 0.58
CA TRP A 288 -23.03 0.85 -0.81
C TRP A 288 -22.12 0.14 -1.83
N ASN A 289 -20.91 -0.25 -1.43
CA ASN A 289 -19.87 -0.69 -2.37
C ASN A 289 -19.75 -2.23 -2.46
N THR A 290 -20.89 -2.92 -2.38
CA THR A 290 -20.90 -4.38 -2.50
C THR A 290 -20.45 -4.90 -3.87
N GLN A 291 -20.48 -4.07 -4.91
CA GLN A 291 -20.05 -4.49 -6.24
C GLN A 291 -18.57 -4.89 -6.25
N ASN A 292 -17.77 -4.28 -5.38
CA ASN A 292 -16.33 -4.50 -5.37
C ASN A 292 -15.85 -5.53 -4.37
N THR A 293 -16.80 -6.11 -3.62
CA THR A 293 -16.49 -7.17 -2.66
C THR A 293 -15.99 -8.39 -3.43
N ARG A 294 -14.91 -8.98 -2.95
CA ARG A 294 -14.39 -10.22 -3.53
C ARG A 294 -14.12 -11.20 -2.41
N ASN A 295 -14.75 -12.37 -2.50
CA ASN A 295 -14.55 -13.43 -1.51
C ASN A 295 -13.09 -13.92 -1.61
N ARG A 296 -12.46 -14.19 -0.48
CA ARG A 296 -11.08 -14.70 -0.48
C ARG A 296 -10.92 -16.13 -0.98
N ILE A 297 -12.02 -16.90 -0.95
CA ILE A 297 -12.06 -18.30 -1.41
C ILE A 297 -10.94 -19.10 -0.74
N ASN A 298 -10.78 -18.91 0.57
CA ASN A 298 -9.77 -19.60 1.37
C ASN A 298 -8.34 -19.54 0.82
N GLY A 299 -7.97 -18.39 0.26
CA GLY A 299 -6.63 -18.18 -0.28
C GLY A 299 -6.51 -18.23 -1.79
N LYS A 300 -7.49 -18.81 -2.48
CA LYS A 300 -7.39 -18.99 -3.92
C LYS A 300 -7.42 -17.67 -4.71
N TYR A 301 -8.21 -16.69 -4.29
CA TYR A 301 -8.23 -15.38 -4.93
C TYR A 301 -6.80 -14.79 -4.94
N TYR A 302 -6.16 -14.79 -3.76
CA TYR A 302 -4.80 -14.30 -3.61
C TYR A 302 -3.80 -15.06 -4.46
N GLU A 303 -3.93 -16.39 -4.50
CA GLU A 303 -3.01 -17.20 -5.30
C GLU A 303 -3.16 -16.97 -6.81
N ILE A 304 -4.39 -16.76 -7.28
CA ILE A 304 -4.64 -16.38 -8.69
C ILE A 304 -3.98 -15.04 -8.99
N GLY A 305 -4.13 -14.06 -8.09
CA GLY A 305 -3.49 -12.75 -8.23
C GLY A 305 -1.98 -12.84 -8.30
N LEU A 306 -1.40 -13.59 -7.38
CA LEU A 306 0.05 -13.78 -7.31
C LEU A 306 0.56 -14.51 -8.55
N SER A 307 -0.17 -15.53 -8.97
CA SER A 307 0.16 -16.23 -10.20
C SER A 307 0.16 -15.30 -11.40
N ALA A 308 -0.90 -14.51 -11.53
CA ALA A 308 -1.06 -13.57 -12.64
C ALA A 308 0.10 -12.58 -12.71
N ALA A 309 0.52 -12.08 -11.55
CA ALA A 309 1.64 -11.18 -11.45
C ALA A 309 2.97 -11.81 -11.87
N LEU A 310 3.23 -13.02 -11.39
CA LEU A 310 4.48 -13.75 -11.69
C LEU A 310 4.64 -13.99 -13.17
N GLN A 311 3.54 -14.39 -13.81
CA GLN A 311 3.45 -14.60 -15.25
C GLN A 311 3.93 -13.41 -16.11
N THR A 312 3.75 -12.18 -15.61
CA THR A 312 4.24 -10.99 -16.34
C THR A 312 5.75 -10.73 -16.17
N ARG A 313 6.42 -11.47 -15.28
CA ARG A 313 7.84 -11.32 -14.98
C ARG A 313 8.20 -9.89 -14.51
N PRO A 314 7.53 -9.40 -13.47
CA PRO A 314 7.66 -7.99 -13.13
C PRO A 314 8.93 -7.70 -12.37
N SER A 315 9.37 -6.45 -12.42
CA SER A 315 10.56 -6.01 -11.67
C SER A 315 10.33 -5.97 -10.18
N LEU A 316 9.09 -5.67 -9.78
CA LEU A 316 8.68 -5.69 -8.40
C LEU A 316 7.23 -6.12 -8.35
N ILE A 317 6.82 -6.65 -7.21
CA ILE A 317 5.41 -6.92 -6.96
C ILE A 317 5.04 -6.21 -5.66
N SER A 318 3.87 -5.56 -5.66
CA SER A 318 3.34 -4.92 -4.47
C SER A 318 2.12 -5.74 -3.98
N ILE A 319 1.91 -5.74 -2.67
CA ILE A 319 0.82 -6.45 -2.02
C ILE A 319 -0.11 -5.45 -1.34
N THR A 320 -1.38 -5.49 -1.73
CA THR A 320 -2.42 -4.65 -1.15
C THR A 320 -3.29 -5.57 -0.29
N SER A 321 -3.12 -5.60 1.02
CA SER A 321 -2.24 -4.73 1.81
C SER A 321 -1.73 -5.49 3.04
N PHE A 322 -0.88 -4.89 3.87
CA PHE A 322 -0.54 -5.54 5.11
C PHE A 322 -1.72 -5.40 6.04
N ASN A 323 -2.20 -4.17 6.20
CA ASN A 323 -3.18 -3.86 7.22
C ASN A 323 -4.11 -2.67 6.87
N GLU A 324 -4.67 -2.68 5.67
CA GLU A 324 -5.82 -1.81 5.38
C GLU A 324 -7.08 -2.61 5.79
N TRP A 325 -7.42 -2.51 7.07
CA TRP A 325 -8.49 -3.32 7.67
C TRP A 325 -9.87 -2.86 7.24
N HIS A 326 -10.01 -1.57 6.94
CA HIS A 326 -11.30 -1.03 6.44
C HIS A 326 -11.71 -1.66 5.13
N GLU A 327 -10.75 -1.92 4.25
CA GLU A 327 -11.03 -2.42 2.90
C GLU A 327 -10.91 -3.91 2.75
N GLY A 328 -10.59 -4.59 3.85
CA GLY A 328 -10.59 -6.06 3.90
C GLY A 328 -9.53 -6.68 3.02
N THR A 329 -8.43 -5.96 2.84
CA THR A 329 -7.34 -6.40 1.94
C THR A 329 -6.12 -6.84 2.72
N GLN A 330 -6.20 -6.80 4.05
CA GLN A 330 -5.08 -7.11 4.95
C GLN A 330 -4.61 -8.56 4.84
N ILE A 331 -3.29 -8.78 4.90
CA ILE A 331 -2.72 -10.11 5.10
C ILE A 331 -2.28 -10.31 6.56
N GLU A 332 -2.33 -9.25 7.37
CA GLU A 332 -2.09 -9.35 8.81
C GLU A 332 -3.02 -10.41 9.45
N LYS A 333 -2.52 -11.03 10.52
CA LYS A 333 -3.25 -12.09 11.17
C LYS A 333 -4.61 -11.60 11.70
N ALA A 334 -5.65 -12.35 11.33
CA ALA A 334 -7.03 -12.07 11.73
C ALA A 334 -7.60 -13.30 12.43
N VAL A 335 -8.53 -13.07 13.35
CA VAL A 335 -9.12 -14.12 14.18
C VAL A 335 -10.66 -14.09 14.12
N PRO A 336 -11.29 -15.26 14.34
CA PRO A 336 -12.75 -15.25 14.44
C PRO A 336 -13.25 -14.32 15.54
N LYS A 337 -14.40 -13.70 15.31
CA LYS A 337 -15.04 -12.91 16.36
C LYS A 337 -16.52 -12.80 16.05
N ARG A 338 -17.31 -12.98 17.10
CA ARG A 338 -18.75 -12.80 17.03
C ARG A 338 -19.20 -11.93 18.19
N THR A 339 -20.09 -11.00 17.89
CA THR A 339 -20.72 -10.18 18.92
C THR A 339 -22.22 -10.49 18.90
N SER A 340 -22.98 -9.76 19.71
CA SER A 340 -24.44 -9.92 19.77
C SER A 340 -25.18 -9.67 18.45
N ASN A 341 -24.56 -8.94 17.51
CA ASN A 341 -25.19 -8.72 16.19
C ASN A 341 -24.30 -8.90 14.93
N THR A 342 -23.06 -9.35 15.11
CA THR A 342 -22.08 -9.41 14.03
C THR A 342 -21.31 -10.71 14.11
N VAL A 343 -21.17 -11.39 12.97
CA VAL A 343 -20.18 -12.43 12.77
C VAL A 343 -19.13 -11.85 11.83
N TYR A 344 -17.94 -11.57 12.34
CA TYR A 344 -16.86 -11.05 11.50
C TYR A 344 -16.43 -12.13 10.52
N LEU A 345 -15.92 -11.68 9.38
CA LEU A 345 -15.23 -12.58 8.46
C LEU A 345 -13.91 -12.98 9.10
N ASP A 346 -13.38 -14.12 8.68
CA ASP A 346 -12.09 -14.61 9.19
C ASP A 346 -11.43 -15.54 8.18
N TYR A 347 -10.31 -16.17 8.56
CA TYR A 347 -9.61 -17.07 7.66
C TYR A 347 -9.89 -18.57 7.87
N ARG A 348 -10.96 -18.92 8.62
CA ARG A 348 -11.32 -20.33 8.83
C ARG A 348 -11.66 -20.94 7.48
N PRO A 349 -11.35 -22.22 7.26
CA PRO A 349 -10.83 -23.16 8.27
C PRO A 349 -9.31 -23.12 8.52
N HIS A 350 -8.62 -22.13 7.94
CA HIS A 350 -7.19 -22.00 8.08
C HIS A 350 -6.85 -21.18 9.29
N LYS A 351 -5.55 -21.01 9.54
CA LYS A 351 -5.03 -20.28 10.69
C LYS A 351 -5.04 -18.77 10.45
N PRO A 352 -4.90 -17.97 11.53
CA PRO A 352 -4.73 -16.54 11.40
C PRO A 352 -3.54 -16.12 10.51
N GLY A 353 -2.48 -16.94 10.47
CA GLY A 353 -1.35 -16.71 9.56
C GLY A 353 -1.47 -17.23 8.13
N LEU A 354 -2.64 -17.64 7.68
CA LEU A 354 -2.81 -18.16 6.32
C LEU A 354 -2.13 -17.30 5.24
N TYR A 355 -2.43 -16.01 5.23
CA TYR A 355 -1.97 -15.13 4.14
C TYR A 355 -0.49 -14.82 4.23
N LEU A 356 0.05 -14.85 5.45
CA LEU A 356 1.49 -14.81 5.66
C LEU A 356 2.20 -16.03 5.08
N GLU A 357 1.61 -17.20 5.30
CA GLU A 357 2.14 -18.45 4.77
C GLU A 357 2.02 -18.50 3.25
N LEU A 358 0.88 -18.07 2.70
CA LEU A 358 0.71 -18.06 1.23
C LEU A 358 1.66 -17.06 0.55
N THR A 359 1.91 -15.94 1.21
CA THR A 359 2.87 -14.95 0.74
C THR A 359 4.28 -15.54 0.73
N ARG A 360 4.66 -16.23 1.80
CA ARG A 360 6.01 -16.84 1.88
C ARG A 360 6.21 -17.84 0.75
N LYS A 361 5.21 -18.66 0.50
CA LYS A 361 5.24 -19.61 -0.61
C LYS A 361 5.52 -18.91 -1.94
N TRP A 362 4.73 -17.90 -2.28
CA TRP A 362 4.83 -17.25 -3.59
C TRP A 362 6.03 -16.30 -3.68
N SER A 363 6.42 -15.73 -2.55
CA SER A 363 7.62 -14.94 -2.46
C SER A 363 8.87 -15.73 -2.85
N GLU A 364 8.97 -16.97 -2.34
CA GLU A 364 10.06 -17.87 -2.69
C GLU A 364 10.03 -18.23 -4.17
N LYS A 365 8.83 -18.49 -4.71
CA LYS A 365 8.67 -18.71 -6.16
C LYS A 365 9.21 -17.51 -6.94
N TYR A 366 8.78 -16.32 -6.53
CA TYR A 366 9.16 -15.09 -7.21
C TYR A 366 10.66 -14.88 -7.16
N SER A 367 11.23 -15.03 -5.97
CA SER A 367 12.67 -14.82 -5.77
C SER A 367 13.51 -15.74 -6.68
N LYS A 368 13.13 -17.02 -6.72
CA LYS A 368 13.76 -18.01 -7.62
C LYS A 368 13.62 -17.64 -9.09
N GLU A 369 12.39 -17.41 -9.52
CA GLU A 369 12.14 -17.08 -10.93
C GLU A 369 12.77 -15.76 -11.32
N ARG A 370 12.69 -14.76 -10.45
CA ARG A 370 13.32 -13.45 -10.68
C ARG A 370 14.86 -13.53 -10.83
N ALA A 371 15.47 -14.51 -10.16
CA ALA A 371 16.90 -14.81 -10.32
C ALA A 371 17.29 -15.36 -11.70
N THR A 372 16.31 -15.63 -12.57
CA THR A 372 16.54 -16.11 -13.94
C THR A 372 16.00 -15.15 -15.01
N TYR A 373 15.54 -13.97 -14.60
CA TYR A 373 15.07 -12.94 -15.52
C TYR A 373 16.25 -12.27 -16.22
N ALA A 374 17.32 -12.03 -15.47
CA ALA A 374 18.44 -11.21 -15.93
C ALA A 374 19.06 -11.68 -17.26
N LEU A 375 19.46 -10.70 -18.08
CA LEU A 375 20.14 -10.96 -19.35
C LEU A 375 21.47 -11.71 -19.14
N ASP A 376 22.22 -11.37 -18.09
CA ASP A 376 23.44 -12.12 -17.75
C ASP A 376 23.21 -13.54 -17.15
N ARG A 377 21.94 -13.92 -16.96
CA ARG A 377 21.51 -15.29 -16.62
C ARG A 377 22.09 -15.74 -15.29
#